data_1FBM
#
_entry.id   1FBM
#
_cell.length_a   38.470
_cell.length_b   49.470
_cell.length_c   54.980
_cell.angle_alpha   90.00
_cell.angle_beta   103.84
_cell.angle_gamma   90.00
#
_symmetry.space_group_name_H-M   'P 1 21 1'
#
loop_
_entity.id
_entity.type
_entity.pdbx_description
1 polymer 'PROTEIN (CARTILAGE OLIGOMERIC MATRIX PROTEIN)'
2 non-polymer RETINOL
3 water water
#
_entity_poly.entity_id   1
_entity_poly.type   'polypeptide(L)'
_entity_poly.pdbx_seq_one_letter_code
;MDLAPQMLRELQETNAALQDVRELLRQQVKEITFLKNTVMECDACG
;
_entity_poly.pdbx_strand_id   A,B,C,D,E
#
loop_
_chem_comp.id
_chem_comp.type
_chem_comp.name
_chem_comp.formula
RTL non-polymer RETINOL 'C20 H30 O'
#
# COMPACT_ATOMS: atom_id res chain seq x y z
N MET A 1 -4.34 23.23 -24.16
CA MET A 1 -5.49 23.97 -24.67
C MET A 1 -6.75 23.09 -24.78
N ASP A 2 -6.59 21.87 -25.30
CA ASP A 2 -7.70 20.94 -25.41
C ASP A 2 -7.66 19.98 -24.22
N LEU A 3 -6.52 19.30 -24.05
CA LEU A 3 -6.34 18.33 -22.97
C LEU A 3 -5.71 18.90 -21.68
N ALA A 4 -5.09 20.08 -21.76
CA ALA A 4 -4.45 20.70 -20.59
C ALA A 4 -5.40 20.82 -19.40
N PRO A 5 -6.64 21.32 -19.61
CA PRO A 5 -7.56 21.42 -18.47
C PRO A 5 -7.90 20.01 -17.96
N GLN A 6 -7.84 19.03 -18.86
CA GLN A 6 -8.11 17.63 -18.56
C GLN A 6 -6.90 16.93 -17.90
N MET A 7 -5.70 17.44 -18.15
CA MET A 7 -4.49 16.87 -17.54
C MET A 7 -4.35 17.34 -16.11
N LEU A 8 -5.12 18.37 -15.77
CA LEU A 8 -5.14 18.95 -14.43
C LEU A 8 -6.20 18.24 -13.58
N ARG A 9 -7.34 17.96 -14.21
CA ARG A 9 -8.45 17.27 -13.53
C ARG A 9 -8.00 15.91 -13.03
N GLU A 10 -7.34 15.17 -13.92
CA GLU A 10 -6.82 13.85 -13.60
C GLU A 10 -5.79 13.90 -12.48
N LEU A 11 -4.87 14.86 -12.54
CA LEU A 11 -3.84 15.00 -11.53
C LEU A 11 -4.48 15.23 -10.17
N GLN A 12 -5.47 16.13 -10.12
CA GLN A 12 -6.18 16.43 -8.88
C GLN A 12 -6.86 15.18 -8.33
N GLU A 13 -7.33 14.31 -9.23
CA GLU A 13 -7.98 13.07 -8.82
C GLU A 13 -6.94 12.05 -8.36
N THR A 14 -5.70 12.21 -8.80
CA THR A 14 -4.59 11.33 -8.42
C THR A 14 -4.26 11.56 -6.96
N ASN A 15 -4.42 12.80 -6.52
CA ASN A 15 -4.14 13.14 -5.15
C ASN A 15 -5.30 12.79 -4.24
N ALA A 16 -6.53 12.99 -4.73
CA ALA A 16 -7.73 12.66 -3.96
C ALA A 16 -7.69 11.18 -3.59
N ALA A 17 -7.33 10.37 -4.58
CA ALA A 17 -7.22 8.93 -4.42
C ALA A 17 -6.10 8.63 -3.43
N LEU A 18 -4.93 9.20 -3.70
CA LEU A 18 -3.74 9.03 -2.87
C LEU A 18 -3.97 9.60 -1.48
N GLN A 19 -4.99 10.45 -1.35
CA GLN A 19 -5.32 11.07 -0.08
C GLN A 19 -6.03 10.05 0.80
N ASP A 20 -6.95 9.30 0.19
CA ASP A 20 -7.69 8.27 0.90
C ASP A 20 -6.77 7.09 1.19
N VAL A 21 -5.89 6.79 0.25
CA VAL A 21 -4.91 5.69 0.41
C VAL A 21 -3.97 6.02 1.56
N ARG A 22 -3.67 7.30 1.71
CA ARG A 22 -2.78 7.80 2.75
C ARG A 22 -3.39 7.65 4.15
N GLU A 23 -4.68 7.96 4.28
CA GLU A 23 -5.41 7.86 5.55
C GLU A 23 -5.87 6.42 5.83
N LEU A 24 -5.93 5.62 4.77
CA LEU A 24 -6.33 4.23 4.86
C LEU A 24 -5.18 3.45 5.49
N LEU A 25 -3.96 3.77 5.07
CA LEU A 25 -2.77 3.12 5.60
C LEU A 25 -2.52 3.42 7.07
N ARG A 26 -2.86 4.64 7.48
CA ARG A 26 -2.70 5.05 8.87
C ARG A 26 -3.47 4.14 9.82
N GLN A 27 -4.68 3.79 9.40
CA GLN A 27 -5.55 2.93 10.18
C GLN A 27 -5.05 1.49 10.16
N GLN A 28 -4.51 1.07 9.03
CA GLN A 28 -4.00 -0.29 8.91
C GLN A 28 -2.79 -0.51 9.79
N VAL A 29 -1.94 0.50 9.88
CA VAL A 29 -0.73 0.40 10.69
C VAL A 29 -1.14 0.24 12.15
N LYS A 30 -2.10 1.05 12.59
CA LYS A 30 -2.57 1.00 13.97
C LYS A 30 -3.25 -0.32 14.32
N GLU A 31 -4.06 -0.86 13.40
CA GLU A 31 -4.72 -2.14 13.65
C GLU A 31 -3.61 -3.18 13.82
N ILE A 32 -2.64 -3.14 12.91
CA ILE A 32 -1.52 -4.08 12.93
C ILE A 32 -0.62 -3.95 14.18
N THR A 33 -0.52 -2.75 14.74
CA THR A 33 0.29 -2.52 15.94
C THR A 33 -0.48 -2.98 17.18
N PHE A 34 -1.80 -3.02 17.04
CA PHE A 34 -2.69 -3.44 18.12
C PHE A 34 -2.68 -4.96 18.18
N LEU A 35 -2.74 -5.58 17.00
CA LEU A 35 -2.73 -7.02 16.84
C LEU A 35 -1.43 -7.59 17.42
N LYS A 36 -0.34 -6.85 17.23
CA LYS A 36 0.96 -7.25 17.73
C LYS A 36 0.94 -7.26 19.25
N ASN A 37 0.67 -6.10 19.85
CA ASN A 37 0.61 -5.97 21.31
C ASN A 37 -0.28 -7.05 21.95
N THR A 38 -1.41 -7.32 21.29
CA THR A 38 -2.42 -8.29 21.70
C THR A 38 -1.83 -9.69 21.73
N VAL A 39 -1.19 -10.05 20.61
CA VAL A 39 -0.57 -11.35 20.49
C VAL A 39 0.56 -11.48 21.50
N MET A 40 1.24 -10.38 21.78
CA MET A 40 2.34 -10.39 22.74
C MET A 40 1.91 -10.83 24.14
N GLU A 41 0.86 -10.19 24.65
CA GLU A 41 0.35 -10.49 25.99
C GLU A 41 -0.39 -11.82 26.05
N CYS A 42 -0.52 -12.47 24.90
CA CYS A 42 -1.23 -13.76 24.79
C CYS A 42 -0.69 -14.85 25.72
N ASP A 43 -1.49 -15.19 26.73
CA ASP A 43 -1.11 -16.21 27.71
C ASP A 43 -1.23 -17.63 27.16
N ALA A 44 -0.35 -17.95 26.22
CA ALA A 44 -0.28 -19.27 25.59
C ALA A 44 0.95 -19.24 24.69
N CYS A 45 1.47 -18.04 24.44
CA CYS A 45 2.65 -17.87 23.61
C CYS A 45 3.92 -17.51 24.39
N GLY A 46 3.97 -16.27 24.88
CA GLY A 46 5.11 -15.81 25.64
C GLY A 46 6.17 -15.19 24.75
N MET B 1 0.56 32.00 -19.10
CA MET B 1 -0.52 31.84 -20.08
C MET B 1 -1.29 30.53 -19.89
N ASP B 2 -0.58 29.48 -19.48
CA ASP B 2 -1.17 28.16 -19.28
C ASP B 2 -1.35 27.78 -17.81
N LEU B 3 -1.81 26.55 -17.59
CA LEU B 3 -2.05 26.02 -16.26
C LEU B 3 -0.85 25.21 -15.74
N ALA B 4 0.36 25.57 -16.18
CA ALA B 4 1.57 24.86 -15.77
C ALA B 4 1.88 24.90 -14.28
N PRO B 5 1.66 26.05 -13.61
CA PRO B 5 1.93 26.16 -12.17
C PRO B 5 0.96 25.36 -11.31
N GLN B 6 -0.31 25.31 -11.72
CA GLN B 6 -1.31 24.55 -10.99
C GLN B 6 -0.93 23.08 -11.12
N MET B 7 -0.32 22.74 -12.26
CA MET B 7 0.12 21.37 -12.54
C MET B 7 1.33 20.99 -11.73
N LEU B 8 2.30 21.90 -11.67
CA LEU B 8 3.54 21.68 -10.93
C LEU B 8 3.18 21.39 -9.48
N ARG B 9 2.24 22.16 -8.95
CA ARG B 9 1.77 22.03 -7.58
C ARG B 9 1.15 20.67 -7.27
N GLU B 10 0.27 20.20 -8.15
CA GLU B 10 -0.39 18.91 -7.95
C GLU B 10 0.66 17.81 -7.93
N LEU B 11 1.62 17.90 -8.84
CA LEU B 11 2.69 16.92 -8.90
C LEU B 11 3.40 16.85 -7.54
N GLN B 12 3.92 17.98 -7.07
CA GLN B 12 4.60 18.01 -5.79
C GLN B 12 3.69 17.61 -4.62
N GLU B 13 2.38 17.69 -4.84
CA GLU B 13 1.40 17.30 -3.85
C GLU B 13 1.32 15.76 -3.87
N THR B 14 1.56 15.16 -5.03
CA THR B 14 1.55 13.71 -5.18
C THR B 14 2.79 13.16 -4.45
N ASN B 15 3.87 13.93 -4.47
CA ASN B 15 5.10 13.53 -3.82
C ASN B 15 5.06 13.57 -2.31
N ALA B 16 4.58 14.68 -1.74
CA ALA B 16 4.46 14.81 -0.29
C ALA B 16 3.62 13.68 0.29
N ALA B 17 2.56 13.30 -0.43
CA ALA B 17 1.66 12.23 0.01
C ALA B 17 2.36 10.89 -0.10
N LEU B 18 3.16 10.73 -1.15
CA LEU B 18 3.91 9.51 -1.36
C LEU B 18 4.96 9.39 -0.24
N GLN B 19 5.40 10.54 0.28
CA GLN B 19 6.37 10.59 1.36
C GLN B 19 5.77 9.89 2.58
N ASP B 20 4.54 10.27 2.92
CA ASP B 20 3.84 9.69 4.05
C ASP B 20 3.55 8.21 3.82
N VAL B 21 3.15 7.86 2.60
CA VAL B 21 2.85 6.47 2.25
C VAL B 21 4.10 5.60 2.37
N ARG B 22 5.25 6.17 2.02
CA ARG B 22 6.51 5.45 2.07
C ARG B 22 6.90 5.20 3.52
N GLU B 23 6.64 6.17 4.39
CA GLU B 23 6.99 6.04 5.81
C GLU B 23 6.07 5.09 6.56
N LEU B 24 4.78 5.14 6.25
CA LEU B 24 3.81 4.28 6.89
C LEU B 24 4.15 2.84 6.59
N LEU B 25 4.61 2.57 5.37
CA LEU B 25 4.97 1.20 5.00
C LEU B 25 6.20 0.71 5.73
N ARG B 26 7.23 1.55 5.82
CA ARG B 26 8.48 1.20 6.52
C ARG B 26 8.16 0.78 7.96
N GLN B 27 7.31 1.56 8.60
CA GLN B 27 6.88 1.32 9.96
C GLN B 27 6.08 0.02 10.04
N GLN B 28 5.10 -0.11 9.16
CA GLN B 28 4.25 -1.29 9.12
C GLN B 28 5.07 -2.56 8.93
N VAL B 29 6.23 -2.43 8.30
CA VAL B 29 7.12 -3.57 8.04
C VAL B 29 7.78 -4.04 9.34
N LYS B 30 8.24 -3.09 10.15
CA LYS B 30 8.89 -3.41 11.41
C LYS B 30 7.87 -4.11 12.33
N GLU B 31 6.59 -3.81 12.11
CA GLU B 31 5.50 -4.36 12.89
C GLU B 31 5.17 -5.79 12.49
N ILE B 32 5.12 -6.06 11.19
CA ILE B 32 4.84 -7.41 10.70
C ILE B 32 6.03 -8.34 10.94
N THR B 33 7.24 -7.78 10.93
CA THR B 33 8.44 -8.54 11.18
C THR B 33 8.47 -8.91 12.66
N PHE B 34 8.01 -7.99 13.51
CA PHE B 34 7.97 -8.26 14.94
C PHE B 34 6.91 -9.32 15.23
N LEU B 35 5.71 -9.12 14.69
CA LEU B 35 4.58 -10.03 14.87
C LEU B 35 5.01 -11.46 14.53
N LYS B 36 5.59 -11.61 13.34
CA LYS B 36 6.08 -12.89 12.83
C LYS B 36 6.97 -13.65 13.81
N ASN B 37 7.82 -12.92 14.52
CA ASN B 37 8.75 -13.52 15.49
C ASN B 37 8.04 -14.09 16.71
N THR B 38 7.01 -13.38 17.19
CA THR B 38 6.24 -13.77 18.36
C THR B 38 5.56 -15.13 18.21
N VAL B 39 5.00 -15.40 17.03
CA VAL B 39 4.32 -16.67 16.78
C VAL B 39 5.31 -17.82 16.55
N MET B 40 6.56 -17.47 16.22
CA MET B 40 7.61 -18.49 16.02
C MET B 40 8.16 -18.93 17.38
N GLU B 41 8.01 -18.05 18.37
CA GLU B 41 8.45 -18.32 19.74
C GLU B 41 7.28 -18.81 20.61
N CYS B 42 6.06 -18.61 20.11
CA CYS B 42 4.83 -19.02 20.80
C CYS B 42 4.83 -20.50 21.17
N ASP B 43 4.91 -20.77 22.47
CA ASP B 43 4.93 -22.13 23.00
C ASP B 43 3.76 -23.00 22.52
N ALA B 44 2.58 -22.41 22.39
CA ALA B 44 1.36 -23.11 21.96
C ALA B 44 1.40 -23.89 20.64
N CYS B 45 2.15 -23.41 19.66
CA CYS B 45 2.22 -24.06 18.35
C CYS B 45 3.12 -25.31 18.26
N GLY B 46 4.37 -25.12 17.86
CA GLY B 46 5.29 -26.23 17.74
C GLY B 46 5.90 -26.65 19.06
N MET C 1 6.34 27.40 -19.56
CA MET C 1 7.62 28.08 -19.68
C MET C 1 8.77 27.37 -18.95
N ASP C 2 9.40 28.06 -18.01
CA ASP C 2 10.52 27.51 -17.25
C ASP C 2 10.11 26.54 -16.14
N LEU C 3 8.83 26.20 -16.07
CA LEU C 3 8.31 25.30 -15.04
C LEU C 3 8.40 23.83 -15.44
N ALA C 4 8.59 23.58 -16.73
CA ALA C 4 8.68 22.22 -17.25
C ALA C 4 9.83 21.36 -16.71
N PRO C 5 11.04 21.94 -16.53
CA PRO C 5 12.18 21.15 -16.02
C PRO C 5 11.94 20.55 -14.63
N GLN C 6 11.21 21.29 -13.78
CA GLN C 6 10.91 20.81 -12.43
C GLN C 6 9.77 19.80 -12.46
N MET C 7 8.84 19.97 -13.39
CA MET C 7 7.73 19.02 -13.51
C MET C 7 8.35 17.65 -13.73
N LEU C 8 9.49 17.64 -14.43
CA LEU C 8 10.22 16.41 -14.73
C LEU C 8 10.80 15.82 -13.45
N ARG C 9 11.48 16.66 -12.65
CA ARG C 9 12.08 16.22 -11.39
C ARG C 9 11.03 15.71 -10.41
N GLU C 10 9.80 16.19 -10.54
CA GLU C 10 8.69 15.75 -9.69
C GLU C 10 8.21 14.37 -10.17
N LEU C 11 8.20 14.18 -11.50
CA LEU C 11 7.81 12.91 -12.10
C LEU C 11 8.97 11.93 -12.01
N GLN C 12 10.15 12.45 -11.68
CA GLN C 12 11.37 11.65 -11.52
C GLN C 12 11.36 11.10 -10.07
N GLU C 13 10.99 11.96 -9.12
CA GLU C 13 10.90 11.62 -7.70
C GLU C 13 9.65 10.81 -7.38
N THR C 14 8.63 10.89 -8.24
CA THR C 14 7.39 10.12 -8.03
C THR C 14 7.66 8.65 -8.41
N ASN C 15 8.74 8.42 -9.16
CA ASN C 15 9.15 7.09 -9.59
C ASN C 15 10.23 6.48 -8.70
N ALA C 16 11.05 7.34 -8.08
CA ALA C 16 12.10 6.90 -7.17
C ALA C 16 11.44 6.37 -5.90
N ALA C 17 10.44 7.11 -5.45
CA ALA C 17 9.68 6.74 -4.26
C ALA C 17 8.83 5.50 -4.52
N LEU C 18 8.11 5.50 -5.64
CA LEU C 18 7.26 4.35 -5.96
C LEU C 18 8.08 3.08 -6.09
N GLN C 19 9.30 3.20 -6.61
CA GLN C 19 10.20 2.06 -6.78
C GLN C 19 10.46 1.44 -5.39
N ASP C 20 10.55 2.32 -4.38
CA ASP C 20 10.77 1.91 -2.99
C ASP C 20 9.51 1.28 -2.37
N VAL C 21 8.32 1.75 -2.76
CA VAL C 21 7.06 1.19 -2.26
C VAL C 21 6.87 -0.19 -2.90
N ARG C 22 7.40 -0.32 -4.12
CA ARG C 22 7.32 -1.53 -4.92
C ARG C 22 8.06 -2.71 -4.28
N GLU C 23 9.21 -2.44 -3.67
CA GLU C 23 9.98 -3.50 -3.04
C GLU C 23 9.58 -3.75 -1.58
N LEU C 24 9.21 -2.69 -0.86
CA LEU C 24 8.78 -2.82 0.53
C LEU C 24 7.45 -3.56 0.60
N LEU C 25 6.71 -3.55 -0.51
CA LEU C 25 5.46 -4.26 -0.53
C LEU C 25 5.81 -5.72 -0.78
N ARG C 26 6.68 -5.99 -1.75
CA ARG C 26 7.05 -7.36 -2.06
C ARG C 26 7.75 -8.08 -0.90
N GLN C 27 8.28 -7.29 0.02
CA GLN C 27 8.94 -7.82 1.19
C GLN C 27 7.82 -8.24 2.16
N GLN C 28 6.93 -7.28 2.45
CA GLN C 28 5.80 -7.48 3.34
C GLN C 28 4.91 -8.63 2.89
N VAL C 29 4.90 -8.92 1.58
CA VAL C 29 4.09 -10.03 1.08
C VAL C 29 4.74 -11.33 1.55
N LYS C 30 6.08 -11.40 1.40
CA LYS C 30 6.85 -12.59 1.80
C LYS C 30 6.75 -12.83 3.31
N GLU C 31 6.92 -11.76 4.09
CA GLU C 31 6.84 -11.84 5.54
C GLU C 31 5.46 -12.34 5.94
N ILE C 32 4.42 -11.83 5.29
CA ILE C 32 3.05 -12.26 5.57
C ILE C 32 2.81 -13.72 5.20
N THR C 33 3.29 -14.13 4.03
CA THR C 33 3.14 -15.52 3.58
C THR C 33 3.77 -16.42 4.64
N PHE C 34 4.94 -15.99 5.11
CA PHE C 34 5.71 -16.70 6.13
C PHE C 34 4.94 -16.77 7.43
N LEU C 35 4.29 -15.66 7.76
CA LEU C 35 3.49 -15.57 8.96
C LEU C 35 2.35 -16.57 8.82
N LYS C 36 1.87 -16.73 7.59
CA LYS C 36 0.78 -17.64 7.31
C LYS C 36 1.26 -19.08 7.51
N ASN C 37 2.47 -19.36 7.02
CA ASN C 37 3.06 -20.68 7.14
C ASN C 37 3.20 -21.17 8.58
N THR C 38 3.71 -20.31 9.45
CA THR C 38 3.91 -20.65 10.85
C THR C 38 2.59 -21.05 11.50
N VAL C 39 1.52 -20.35 11.12
CA VAL C 39 0.19 -20.62 11.67
C VAL C 39 -0.41 -21.93 11.17
N MET C 40 -0.13 -22.29 9.91
CA MET C 40 -0.64 -23.54 9.34
C MET C 40 -0.11 -24.72 10.17
N GLU C 41 1.12 -24.57 10.65
CA GLU C 41 1.76 -25.61 11.45
C GLU C 41 1.67 -25.30 12.94
N CYS C 42 0.52 -24.83 13.38
CA CYS C 42 0.34 -24.51 14.78
C CYS C 42 -0.50 -25.58 15.50
N ASP C 43 0.18 -26.44 16.25
CA ASP C 43 -0.50 -27.52 16.97
C ASP C 43 -1.61 -27.05 17.88
N ALA C 44 -1.45 -25.85 18.45
CA ALA C 44 -2.45 -25.28 19.34
C ALA C 44 -3.78 -25.16 18.63
N CYS C 45 -3.73 -24.88 17.33
CA CYS C 45 -4.91 -24.73 16.51
C CYS C 45 -5.55 -26.06 16.07
N GLY C 46 -4.82 -27.17 16.25
CA GLY C 46 -5.37 -28.46 15.89
C GLY C 46 -4.48 -29.37 15.07
N MET D 1 7.27 20.92 -24.61
CA MET D 1 7.89 21.04 -25.93
C MET D 1 9.13 20.16 -26.04
N ASP D 2 10.30 20.75 -25.73
CA ASP D 2 11.58 20.07 -25.81
C ASP D 2 11.62 18.78 -24.98
N LEU D 3 11.13 18.84 -23.75
CA LEU D 3 11.14 17.69 -22.85
C LEU D 3 9.84 16.91 -22.74
N ALA D 4 8.80 17.36 -23.44
CA ALA D 4 7.50 16.71 -23.40
C ALA D 4 7.62 15.18 -23.44
N PRO D 5 8.46 14.64 -24.35
CA PRO D 5 8.67 13.20 -24.50
C PRO D 5 9.23 12.54 -23.24
N GLN D 6 10.20 13.21 -22.62
CA GLN D 6 10.83 12.69 -21.42
C GLN D 6 9.84 12.56 -20.26
N MET D 7 8.79 13.39 -20.26
CA MET D 7 7.77 13.32 -19.23
C MET D 7 6.87 12.12 -19.48
N LEU D 8 6.79 11.71 -20.74
CA LEU D 8 5.98 10.55 -21.09
C LEU D 8 6.65 9.26 -20.66
N ARG D 9 7.98 9.25 -20.56
CA ARG D 9 8.68 8.05 -20.14
C ARG D 9 8.40 7.81 -18.66
N GLU D 10 8.46 8.88 -17.88
CA GLU D 10 8.21 8.81 -16.45
C GLU D 10 6.79 8.35 -16.15
N LEU D 11 5.81 8.98 -16.78
CA LEU D 11 4.42 8.61 -16.58
C LEU D 11 4.23 7.12 -16.85
N GLN D 12 4.65 6.69 -18.03
CA GLN D 12 4.52 5.29 -18.39
C GLN D 12 5.16 4.37 -17.35
N GLU D 13 6.26 4.85 -16.76
CA GLU D 13 6.96 4.08 -15.74
C GLU D 13 6.15 3.99 -14.45
N THR D 14 5.45 5.07 -14.09
CA THR D 14 4.61 5.05 -12.89
C THR D 14 3.45 4.10 -13.10
N ASN D 15 3.04 3.93 -14.37
CA ASN D 15 1.94 3.03 -14.71
C ASN D 15 2.36 1.60 -14.46
N ALA D 16 3.54 1.27 -14.98
CA ALA D 16 4.08 -0.07 -14.84
C ALA D 16 4.20 -0.45 -13.38
N ALA D 17 4.81 0.44 -12.59
CA ALA D 17 5.00 0.22 -11.17
C ALA D 17 3.67 0.10 -10.44
N LEU D 18 2.67 0.86 -10.90
CA LEU D 18 1.34 0.83 -10.30
C LEU D 18 0.73 -0.55 -10.48
N GLN D 19 0.94 -1.14 -11.67
CA GLN D 19 0.42 -2.48 -11.94
C GLN D 19 1.07 -3.47 -10.98
N ASP D 20 2.38 -3.29 -10.76
CA ASP D 20 3.17 -4.14 -9.87
C ASP D 20 2.62 -4.01 -8.45
N VAL D 21 2.51 -2.78 -7.95
CA VAL D 21 1.97 -2.52 -6.62
C VAL D 21 0.59 -3.18 -6.54
N ARG D 22 -0.23 -2.91 -7.57
CA ARG D 22 -1.58 -3.44 -7.67
C ARG D 22 -1.67 -4.96 -7.52
N GLU D 23 -0.99 -5.69 -8.40
CA GLU D 23 -1.00 -7.15 -8.36
C GLU D 23 -0.34 -7.78 -7.12
N LEU D 24 0.55 -7.01 -6.48
CA LEU D 24 1.23 -7.42 -5.25
C LEU D 24 0.18 -7.38 -4.14
N LEU D 25 -0.62 -6.32 -4.16
CA LEU D 25 -1.68 -6.13 -3.16
C LEU D 25 -2.81 -7.15 -3.26
N ARG D 26 -3.27 -7.44 -4.47
CA ARG D 26 -4.35 -8.43 -4.61
C ARG D 26 -3.88 -9.80 -4.11
N GLN D 27 -2.57 -9.95 -4.00
CA GLN D 27 -1.99 -11.20 -3.51
C GLN D 27 -1.86 -11.14 -2.00
N GLN D 28 -1.44 -9.99 -1.49
CA GLN D 28 -1.27 -9.80 -0.05
C GLN D 28 -2.62 -9.89 0.66
N VAL D 29 -3.66 -9.43 -0.02
CA VAL D 29 -5.01 -9.47 0.51
C VAL D 29 -5.49 -10.91 0.43
N LYS D 30 -5.09 -11.60 -0.63
CA LYS D 30 -5.46 -12.99 -0.83
C LYS D 30 -4.89 -13.83 0.32
N GLU D 31 -3.70 -13.43 0.80
CA GLU D 31 -3.03 -14.12 1.90
C GLU D 31 -3.61 -13.77 3.23
N ILE D 32 -3.82 -12.47 3.49
CA ILE D 32 -4.39 -12.04 4.76
C ILE D 32 -5.80 -12.62 4.94
N THR D 33 -6.52 -12.84 3.84
CA THR D 33 -7.86 -13.43 3.92
C THR D 33 -7.72 -14.86 4.46
N PHE D 34 -6.63 -15.53 4.08
CA PHE D 34 -6.40 -16.88 4.55
C PHE D 34 -6.06 -16.88 6.04
N LEU D 35 -5.13 -16.00 6.43
CA LEU D 35 -4.73 -15.89 7.83
C LEU D 35 -5.94 -15.65 8.72
N LYS D 36 -6.89 -14.84 8.24
CA LYS D 36 -8.10 -14.55 9.01
C LYS D 36 -8.95 -15.81 9.15
N ASN D 37 -9.21 -16.47 8.02
CA ASN D 37 -10.02 -17.68 8.05
C ASN D 37 -9.39 -18.77 8.90
N THR D 38 -8.07 -18.78 8.96
CA THR D 38 -7.32 -19.78 9.73
C THR D 38 -7.39 -19.55 11.24
N VAL D 39 -7.18 -18.31 11.68
CA VAL D 39 -7.22 -18.00 13.10
C VAL D 39 -8.64 -18.25 13.64
N MET D 40 -9.62 -18.08 12.77
CA MET D 40 -11.02 -18.31 13.12
C MET D 40 -11.26 -19.82 13.29
N GLU D 41 -10.46 -20.63 12.61
CA GLU D 41 -10.55 -22.09 12.65
C GLU D 41 -9.58 -22.72 13.68
N CYS D 42 -9.00 -21.88 14.52
CA CYS D 42 -8.07 -22.35 15.55
C CYS D 42 -8.84 -22.90 16.73
N ASP D 43 -8.52 -24.13 17.11
CA ASP D 43 -9.18 -24.80 18.23
C ASP D 43 -8.73 -24.27 19.59
N ALA D 44 -7.53 -23.70 19.63
CA ALA D 44 -6.97 -23.15 20.85
C ALA D 44 -7.86 -22.04 21.42
N CYS D 45 -8.45 -21.25 20.54
CA CYS D 45 -9.34 -20.16 20.94
C CYS D 45 -10.68 -20.68 21.46
N GLY D 46 -11.27 -21.63 20.75
CA GLY D 46 -12.53 -22.21 21.18
C GLY D 46 -13.78 -21.52 20.65
N MET E 1 5.46 20.67 -30.37
CA MET E 1 5.22 20.43 -28.94
C MET E 1 4.60 19.05 -28.79
N ASP E 2 3.54 18.82 -29.57
CA ASP E 2 2.75 17.59 -29.64
C ASP E 2 3.16 16.37 -28.82
N LEU E 3 2.32 16.01 -27.85
CA LEU E 3 2.55 14.87 -26.98
C LEU E 3 1.50 14.79 -25.88
N ALA E 4 0.56 15.72 -25.89
CA ALA E 4 -0.51 15.78 -24.90
C ALA E 4 -1.53 14.65 -24.96
N PRO E 5 -1.94 14.23 -26.16
CA PRO E 5 -2.91 13.13 -26.24
C PRO E 5 -2.39 11.84 -25.59
N GLN E 6 -1.11 11.53 -25.83
CA GLN E 6 -0.50 10.31 -25.28
C GLN E 6 -0.29 10.40 -23.77
N MET E 7 0.03 11.60 -23.29
CA MET E 7 0.26 11.87 -21.87
C MET E 7 -1.01 11.75 -21.04
N LEU E 8 -2.14 12.07 -21.67
CA LEU E 8 -3.44 12.01 -21.02
C LEU E 8 -3.81 10.57 -20.76
N ARG E 9 -3.53 9.71 -21.75
CA ARG E 9 -3.80 8.28 -21.67
C ARG E 9 -3.13 7.66 -20.45
N GLU E 10 -1.84 7.95 -20.29
CA GLU E 10 -1.04 7.44 -19.19
C GLU E 10 -1.56 7.89 -17.83
N LEU E 11 -2.21 9.05 -17.80
CA LEU E 11 -2.76 9.59 -16.55
C LEU E 11 -4.11 8.95 -16.20
N GLN E 12 -4.95 8.69 -17.20
CA GLN E 12 -6.24 8.06 -16.97
C GLN E 12 -5.96 6.64 -16.49
N GLU E 13 -4.92 6.02 -17.06
CA GLU E 13 -4.53 4.68 -16.66
C GLU E 13 -3.99 4.73 -15.23
N THR E 14 -3.27 5.81 -14.89
CA THR E 14 -2.72 5.97 -13.56
C THR E 14 -3.83 6.03 -12.50
N ASN E 15 -4.96 6.64 -12.88
CA ASN E 15 -6.09 6.76 -11.96
C ASN E 15 -7.00 5.53 -11.95
N ALA E 16 -6.92 4.70 -12.99
CA ALA E 16 -7.71 3.47 -13.05
C ALA E 16 -7.04 2.45 -12.13
N ALA E 17 -5.72 2.38 -12.25
CA ALA E 17 -4.91 1.47 -11.43
C ALA E 17 -5.01 1.89 -9.97
N LEU E 18 -4.78 3.17 -9.69
CA LEU E 18 -4.87 3.69 -8.33
C LEU E 18 -6.29 3.51 -7.80
N GLN E 19 -7.26 3.53 -8.71
CA GLN E 19 -8.68 3.34 -8.37
C GLN E 19 -8.88 1.97 -7.72
N ASP E 20 -8.14 0.97 -8.21
CA ASP E 20 -8.22 -0.38 -7.68
C ASP E 20 -7.50 -0.50 -6.33
N VAL E 21 -6.28 0.03 -6.26
CA VAL E 21 -5.47 0.00 -5.04
C VAL E 21 -6.23 0.58 -3.85
N ARG E 22 -7.07 1.58 -4.12
CA ARG E 22 -7.86 2.23 -3.09
C ARG E 22 -8.79 1.19 -2.45
N GLU E 23 -9.60 0.50 -3.25
CA GLU E 23 -10.52 -0.50 -2.74
C GLU E 23 -9.83 -1.69 -2.09
N LEU E 24 -8.66 -2.07 -2.59
CA LEU E 24 -7.89 -3.18 -2.03
C LEU E 24 -7.49 -2.86 -0.59
N LEU E 25 -7.11 -1.61 -0.35
CA LEU E 25 -6.73 -1.17 0.99
C LEU E 25 -7.94 -1.09 1.93
N ARG E 26 -9.12 -0.83 1.37
CA ARG E 26 -10.36 -0.76 2.17
C ARG E 26 -10.80 -2.14 2.65
N GLN E 27 -10.51 -3.16 1.84
CA GLN E 27 -10.84 -4.53 2.18
C GLN E 27 -9.75 -5.12 3.06
N GLN E 28 -8.50 -4.72 2.83
CA GLN E 28 -7.39 -5.24 3.64
C GLN E 28 -7.53 -4.79 5.09
N VAL E 29 -7.95 -3.55 5.31
CA VAL E 29 -8.14 -3.06 6.66
C VAL E 29 -9.35 -3.76 7.28
N LYS E 30 -10.38 -3.98 6.45
CA LYS E 30 -11.61 -4.66 6.86
C LYS E 30 -11.33 -5.98 7.57
N GLU E 31 -10.48 -6.80 6.97
CA GLU E 31 -10.14 -8.09 7.54
C GLU E 31 -9.06 -8.01 8.60
N ILE E 32 -8.22 -6.98 8.54
CA ILE E 32 -7.18 -6.82 9.54
C ILE E 32 -7.89 -6.56 10.87
N THR E 33 -8.96 -5.79 10.81
CA THR E 33 -9.73 -5.47 12.02
C THR E 33 -10.54 -6.67 12.53
N PHE E 34 -10.88 -7.60 11.64
CA PHE E 34 -11.63 -8.80 12.03
C PHE E 34 -10.65 -9.78 12.65
N LEU E 35 -9.41 -9.74 12.17
CA LEU E 35 -8.33 -10.59 12.65
C LEU E 35 -7.99 -10.11 14.06
N LYS E 36 -8.16 -8.81 14.28
CA LYS E 36 -7.89 -8.25 15.59
C LYS E 36 -8.95 -8.80 16.54
N ASN E 37 -10.20 -8.40 16.29
CA ASN E 37 -11.37 -8.81 17.08
C ASN E 37 -11.36 -10.30 17.39
N THR E 38 -10.71 -11.07 16.51
CA THR E 38 -10.64 -12.51 16.69
C THR E 38 -9.67 -12.96 17.76
N VAL E 39 -8.47 -12.36 17.80
CA VAL E 39 -7.46 -12.74 18.79
C VAL E 39 -7.79 -12.22 20.17
N MET E 40 -8.63 -11.19 20.23
CA MET E 40 -9.05 -10.58 21.48
C MET E 40 -9.96 -11.48 22.30
N GLU E 41 -10.98 -12.05 21.64
CA GLU E 41 -11.93 -12.93 22.32
C GLU E 41 -11.48 -14.39 22.26
N CYS E 42 -10.20 -14.58 21.93
CA CYS E 42 -9.59 -15.90 21.81
C CYS E 42 -9.20 -16.49 23.17
N ASP E 43 -9.97 -17.49 23.61
CA ASP E 43 -9.79 -18.17 24.90
C ASP E 43 -8.43 -18.79 25.17
N ALA E 44 -7.51 -18.68 24.22
CA ALA E 44 -6.16 -19.21 24.38
C ALA E 44 -5.30 -18.12 25.01
N CYS E 45 -5.54 -16.88 24.61
CA CYS E 45 -4.80 -15.73 25.13
C CYS E 45 -5.40 -15.18 26.42
N GLY E 46 -6.42 -15.86 26.94
CA GLY E 46 -7.07 -15.45 28.17
C GLY E 46 -8.16 -16.41 28.62
C1 RTL F . 0.71 7.29 -7.10
C2 RTL F . 0.52 7.62 -8.61
C3 RTL F . 1.34 6.76 -9.58
C4 RTL F . 2.18 5.74 -8.85
C5 RTL F . 1.45 5.10 -7.64
C6 RTL F . 0.65 5.77 -6.73
C7 RTL F . 0.89 5.28 -5.35
C8 RTL F . 0.32 4.10 -4.86
C9 RTL F . 0.65 3.72 -3.48
C10 RTL F . -0.02 2.56 -3.21
C11 RTL F . 0.30 2.15 -1.84
C12 RTL F . -0.35 0.99 -1.49
C13 RTL F . 0.06 0.56 -0.13
C14 RTL F . -0.60 -0.61 0.19
C15 RTL F . -0.21 -1.01 1.55
O1 RTL F . -0.85 -2.17 1.90
C16 RTL F . -0.60 7.82 -6.60
C17 RTL F . 1.84 8.15 -6.56
C18 RTL F . 1.70 3.61 -7.65
C19 RTL F . 1.62 4.71 -2.83
C20 RTL F . 1.57 0.28 -0.04
#